data_5EFI
#
_entry.id   5EFI
#
_cell.length_a   42.190
_cell.length_b   107.850
_cell.length_c   110.340
_cell.angle_alpha   90.00
_cell.angle_beta   90.00
_cell.angle_gamma   90.00
#
_symmetry.space_group_name_H-M   'P 21 21 21'
#
loop_
_entity.id
_entity.type
_entity.pdbx_description
1 polymer 'Antigen-presenting glycoprotein CD1d1'
2 polymer Beta-2-microglobulin
3 polymer p99p
4 branched 2-acetamido-2-deoxy-beta-D-glucopyranose-(1-4)-2-acetamido-2-deoxy-beta-D-glucopyranose
5 branched alpha-D-mannopyranose-(1-3)-[alpha-D-mannopyranose-(1-6)]beta-D-mannopyranose-(1-4)-2-acetamido-2-deoxy-beta-D-glucopyranose-(1-4)-[alpha-L-fucopyranose-(1-6)]2-acetamido-2-deoxy-beta-D-glucopyranose
6 non-polymer 2-acetamido-2-deoxy-beta-D-glucopyranose
7 non-polymer 'CITRIC ACID'
8 non-polymer 'SODIUM ION'
9 non-polymer 'PALMITIC ACID'
10 non-polymer 'OCTANOIC ACID (CAPRYLIC ACID)'
11 water water
#
loop_
_entity_poly.entity_id
_entity_poly.type
_entity_poly.pdbx_seq_one_letter_code
_entity_poly.pdbx_strand_id
1 'polypeptide(L)'
;SEAQQKNYTFRCLQMSSFANRSWSRTDSVVWLGDLQTHRWSNDSATISFTKPWSQGKLSNQQWEKLQHMFQVYRVSFTRD
IQELVKMMSPKEDYPIEIQLSAGCEMYPGNASESFLHVAFQGKYVVRFWGTSWQTVPGAPSWLDLPIKVLNADQGTSATV
QMLLNDTCPLFVRGLLEAGKSDLEKQEKPVAWLSSVPSSADGHRQLVCHVSGFYPKPVWVMWMRGDQEQQGTHRGDFLPN
ADETWYLQATLDVEAGEEAGLACRVKHSSLGGQDIILYWHHHHHH
;
A
2 'polypeptide(L)'
;IQKTPQIQVYSRHPPENGKPNILNCYVTQFHPPHIEIQMLKNGKKIPKVEMSDMSFSKDWSFYILAHTEFTPTETDTYAC
RVKHASMAEPKTVYWDRDM
;
B
3 'polypeptide(L)' YEHDFHHIREKGNHWKNFLAVM C
#
# COMPACT_ATOMS: atom_id res chain seq x y z
N LYS A 6 -17.16 -11.11 -4.63
CA LYS A 6 -16.34 -10.29 -3.69
C LYS A 6 -16.60 -8.80 -3.87
N ASN A 7 -16.37 -8.03 -2.79
CA ASN A 7 -16.59 -6.59 -2.77
C ASN A 7 -15.29 -5.81 -2.85
N TYR A 8 -14.97 -5.27 -4.03
CA TYR A 8 -13.70 -4.54 -4.24
C TYR A 8 -13.76 -3.13 -3.71
N THR A 9 -12.64 -2.66 -3.17
CA THR A 9 -12.45 -1.26 -2.81
C THR A 9 -11.52 -0.61 -3.82
N PHE A 10 -12.01 0.42 -4.51
CA PHE A 10 -11.21 1.19 -5.43
C PHE A 10 -10.71 2.44 -4.70
N ARG A 11 -9.40 2.65 -4.65
CA ARG A 11 -8.86 3.85 -4.01
C ARG A 11 -7.77 4.55 -4.80
N CYS A 12 -7.96 5.86 -4.95
CA CYS A 12 -6.98 6.78 -5.52
C CYS A 12 -6.34 7.48 -4.33
N LEU A 13 -5.01 7.32 -4.21
CA LEU A 13 -4.25 7.81 -3.07
C LEU A 13 -3.27 8.86 -3.56
N GLN A 14 -3.46 10.10 -3.09
CA GLN A 14 -2.56 11.19 -3.40
C GLN A 14 -1.71 11.52 -2.19
N MET A 15 -0.43 11.75 -2.44
CA MET A 15 0.54 12.04 -1.39
C MET A 15 1.28 13.29 -1.80
N SER A 16 1.01 14.40 -1.08
CA SER A 16 1.61 15.70 -1.34
C SER A 16 2.51 16.13 -0.17
N SER A 17 3.76 16.42 -0.46
CA SER A 17 4.74 16.91 0.51
C SER A 17 5.13 18.31 0.12
N PHE A 18 5.08 19.24 1.08
CA PHE A 18 5.55 20.61 0.86
C PHE A 18 6.67 20.87 1.86
N ALA A 19 7.87 21.11 1.37
CA ALA A 19 9.05 21.30 2.22
C ALA A 19 9.23 22.78 2.57
N ASN A 20 8.96 23.64 1.59
CA ASN A 20 9.03 25.08 1.75
C ASN A 20 8.25 25.73 0.60
N ARG A 21 8.32 27.05 0.47
CA ARG A 21 7.93 27.71 -0.77
C ARG A 21 8.91 27.25 -1.86
N SER A 22 8.41 26.93 -3.04
CA SER A 22 9.23 26.43 -4.15
C SER A 22 9.91 25.06 -3.93
N TRP A 23 9.33 24.21 -3.09
CA TRP A 23 9.59 22.76 -3.14
C TRP A 23 8.35 22.03 -2.67
N SER A 24 7.72 21.31 -3.59
CA SER A 24 6.73 20.32 -3.26
C SER A 24 6.69 19.28 -4.35
N ARG A 25 6.21 18.09 -4.01
CA ARG A 25 5.85 17.07 -4.98
C ARG A 25 4.56 16.40 -4.58
N THR A 26 3.82 15.95 -5.59
CA THR A 26 2.60 15.19 -5.42
C THR A 26 2.71 13.92 -6.26
N ASP A 27 2.62 12.78 -5.60
CA ASP A 27 2.65 11.47 -6.25
C ASP A 27 1.37 10.75 -5.91
N SER A 28 0.82 10.02 -6.88
CA SER A 28 -0.41 9.28 -6.68
C SER A 28 -0.28 7.84 -7.15
N VAL A 29 -1.03 6.96 -6.48
CA VAL A 29 -1.17 5.57 -6.88
C VAL A 29 -2.64 5.21 -6.83
N VAL A 30 -3.05 4.25 -7.65
CA VAL A 30 -4.44 3.80 -7.69
C VAL A 30 -4.45 2.27 -7.54
N TRP A 31 -5.35 1.80 -6.69
CA TRP A 31 -5.47 0.38 -6.33
C TRP A 31 -6.90 -0.06 -6.59
N LEU A 32 -7.05 -1.25 -7.17
CA LEU A 32 -8.35 -1.92 -7.22
C LEU A 32 -8.18 -3.17 -6.40
N GLY A 33 -8.77 -3.18 -5.21
CA GLY A 33 -8.47 -4.22 -4.22
C GLY A 33 -7.02 -4.10 -3.87
N ASP A 34 -6.28 -5.18 -4.03
CA ASP A 34 -4.83 -5.20 -3.77
C ASP A 34 -3.95 -5.17 -5.03
N LEU A 35 -4.54 -4.88 -6.21
CA LEU A 35 -3.76 -4.76 -7.44
C LEU A 35 -3.64 -3.31 -7.85
N GLN A 36 -2.41 -2.84 -8.05
CA GLN A 36 -2.17 -1.49 -8.51
C GLN A 36 -2.62 -1.35 -9.98
N THR A 37 -3.41 -0.31 -10.27
CA THR A 37 -3.88 -0.03 -11.63
C THR A 37 -3.22 1.18 -12.29
N HIS A 38 -2.81 2.17 -11.48
CA HIS A 38 -2.16 3.36 -11.99
C HIS A 38 -1.04 3.84 -11.07
N ARG A 39 -0.09 4.56 -11.65
CA ARG A 39 0.81 5.43 -10.89
C ARG A 39 0.87 6.77 -11.61
N TRP A 40 0.99 7.83 -10.82
CA TRP A 40 1.14 9.15 -11.40
C TRP A 40 2.18 9.95 -10.65
N SER A 41 3.40 9.87 -11.14
CA SER A 41 4.55 10.52 -10.53
C SER A 41 4.47 12.04 -10.71
N ASN A 42 5.07 12.76 -9.75
CA ASN A 42 5.13 14.21 -9.81
C ASN A 42 5.78 14.73 -11.11
N ASP A 43 6.90 14.12 -11.47
CA ASP A 43 7.67 14.50 -12.67
C ASP A 43 7.11 13.98 -14.00
N SER A 44 6.11 13.10 -13.93
CA SER A 44 5.38 12.66 -15.12
C SER A 44 4.16 13.55 -15.37
N ALA A 45 4.01 14.06 -16.59
CA ALA A 45 2.84 14.84 -17.01
C ALA A 45 1.56 14.01 -17.13
N THR A 46 1.74 12.72 -17.45
CA THR A 46 0.63 11.80 -17.75
C THR A 46 0.54 10.71 -16.67
N ILE A 47 -0.69 10.20 -16.46
CA ILE A 47 -0.96 9.07 -15.57
C ILE A 47 -0.54 7.78 -16.26
N SER A 48 0.24 6.96 -15.54
CA SER A 48 0.86 5.76 -16.08
C SER A 48 0.05 4.49 -15.73
N PHE A 49 -0.27 3.69 -16.75
CA PHE A 49 -1.00 2.43 -16.58
C PHE A 49 -0.07 1.35 -16.06
N THR A 50 -0.47 0.63 -15.00
CA THR A 50 0.29 -0.50 -14.49
C THR A 50 -0.41 -1.85 -14.76
N LYS A 51 -1.47 -1.81 -15.57
CA LYS A 51 -2.10 -3.01 -16.12
C LYS A 51 -2.50 -2.74 -17.57
N PRO A 52 -2.68 -3.82 -18.38
CA PRO A 52 -3.22 -3.67 -19.73
C PRO A 52 -4.60 -3.00 -19.75
N TRP A 53 -5.36 -3.22 -18.68
CA TRP A 53 -6.77 -2.88 -18.59
C TRP A 53 -7.04 -1.64 -17.72
N SER A 54 -6.01 -0.83 -17.47
CA SER A 54 -6.11 0.34 -16.56
C SER A 54 -7.00 1.47 -17.06
N GLN A 55 -7.34 1.46 -18.35
CA GLN A 55 -8.33 2.40 -18.90
C GLN A 55 -9.78 1.94 -18.68
N GLY A 56 -9.99 0.71 -18.18
CA GLY A 56 -11.33 0.17 -17.96
C GLY A 56 -12.08 0.09 -19.28
N LYS A 57 -13.33 0.55 -19.30
CA LYS A 57 -14.10 0.64 -20.54
C LYS A 57 -14.16 2.06 -21.13
N LEU A 58 -13.35 2.99 -20.60
CA LEU A 58 -13.37 4.37 -21.09
C LEU A 58 -12.65 4.51 -22.44
N SER A 59 -13.17 5.38 -23.31
CA SER A 59 -12.54 5.65 -24.61
C SER A 59 -11.26 6.46 -24.45
N ASN A 60 -10.39 6.40 -25.45
CA ASN A 60 -9.17 7.22 -25.51
C ASN A 60 -9.44 8.71 -25.30
N GLN A 61 -10.53 9.22 -25.90
CA GLN A 61 -10.93 10.61 -25.77
C GLN A 61 -11.36 10.97 -24.34
N GLN A 62 -12.27 10.17 -23.77
CA GLN A 62 -12.73 10.36 -22.39
C GLN A 62 -11.57 10.34 -21.39
N TRP A 63 -10.71 9.33 -21.52
CA TRP A 63 -9.53 9.19 -20.66
C TRP A 63 -8.55 10.37 -20.80
N GLU A 64 -8.30 10.82 -22.03
CA GLU A 64 -7.35 11.91 -22.31
C GLU A 64 -7.73 13.20 -21.60
N LYS A 65 -9.03 13.47 -21.54
CA LYS A 65 -9.55 14.69 -20.94
C LYS A 65 -9.59 14.56 -19.42
N LEU A 66 -9.93 13.37 -18.92
CA LEU A 66 -9.78 13.12 -17.48
C LEU A 66 -8.35 13.32 -17.00
N GLN A 67 -7.39 12.81 -17.76
CA GLN A 67 -5.97 13.04 -17.47
C GLN A 67 -5.66 14.54 -17.41
N HIS A 68 -6.07 15.28 -18.44
CA HIS A 68 -5.86 16.73 -18.48
C HIS A 68 -6.54 17.42 -17.30
N MET A 69 -7.78 17.03 -16.99
CA MET A 69 -8.47 17.57 -15.80
C MET A 69 -7.69 17.36 -14.49
N PHE A 70 -7.16 16.15 -14.30
CA PHE A 70 -6.37 15.83 -13.12
C PHE A 70 -5.04 16.60 -13.12
N GLN A 71 -4.45 16.80 -14.30
CA GLN A 71 -3.22 17.61 -14.47
C GLN A 71 -3.40 19.04 -13.95
N VAL A 72 -4.57 19.62 -14.21
CA VAL A 72 -4.90 20.98 -13.79
C VAL A 72 -5.20 21.00 -12.29
N TYR A 73 -5.93 19.98 -11.83
CA TYR A 73 -6.13 19.75 -10.39
C TYR A 73 -4.81 19.72 -9.63
N ARG A 74 -3.86 18.92 -10.12
CA ARG A 74 -2.57 18.75 -9.45
C ARG A 74 -1.83 20.08 -9.30
N VAL A 75 -1.73 20.85 -10.38
CA VAL A 75 -1.10 22.17 -10.35
C VAL A 75 -1.88 23.13 -9.45
N SER A 76 -3.20 23.13 -9.60
CA SER A 76 -4.09 23.95 -8.78
C SER A 76 -3.98 23.68 -7.29
N PHE A 77 -3.98 22.39 -6.95
CA PHE A 77 -3.89 21.94 -5.57
C PHE A 77 -2.62 22.47 -4.93
N THR A 78 -1.50 22.22 -5.60
CA THR A 78 -0.18 22.65 -5.14
C THR A 78 -0.14 24.16 -4.84
N ARG A 79 -0.60 24.96 -5.81
CA ARG A 79 -0.59 26.42 -5.66
C ARG A 79 -1.46 26.89 -4.48
N ASP A 80 -2.65 26.28 -4.34
CA ASP A 80 -3.57 26.64 -3.26
C ASP A 80 -3.08 26.31 -1.85
N ILE A 81 -2.40 25.17 -1.68
CA ILE A 81 -1.87 24.80 -0.38
C ILE A 81 -0.72 25.74 0.04
N GLN A 82 0.18 26.05 -0.90
CA GLN A 82 1.30 26.96 -0.61
C GLN A 82 0.80 28.37 -0.34
N GLU A 83 -0.29 28.76 -1.00
CA GLU A 83 -1.01 29.99 -0.67
C GLU A 83 -1.65 29.94 0.71
N LEU A 84 -2.39 28.86 0.97
CA LEU A 84 -3.05 28.65 2.27
C LEU A 84 -2.06 28.72 3.43
N VAL A 85 -0.93 28.05 3.27
CA VAL A 85 0.16 28.10 4.25
C VAL A 85 0.69 29.54 4.42
N LYS A 86 0.97 30.22 3.30
CA LYS A 86 1.52 31.58 3.33
C LYS A 86 0.54 32.60 3.92
N MET A 87 -0.74 32.50 3.53
CA MET A 87 -1.80 33.37 4.06
C MET A 87 -1.97 33.23 5.57
N MET A 88 -1.53 32.10 6.13
CA MET A 88 -1.31 31.95 7.56
C MET A 88 0.19 31.97 7.85
N ASP A 93 3.21 25.78 9.67
CA ASP A 93 4.64 25.81 9.33
C ASP A 93 5.04 24.58 8.52
N TYR A 94 6.09 24.75 7.71
CA TYR A 94 6.66 23.64 6.96
C TYR A 94 7.52 22.75 7.89
N PRO A 95 7.67 21.47 7.58
CA PRO A 95 7.10 20.80 6.40
C PRO A 95 5.63 20.40 6.61
N ILE A 96 4.90 20.30 5.50
CA ILE A 96 3.47 19.96 5.45
C ILE A 96 3.30 18.66 4.63
N GLU A 97 2.54 17.71 5.17
CA GLU A 97 2.18 16.48 4.45
C GLU A 97 0.67 16.44 4.32
N ILE A 98 0.18 16.25 3.11
CA ILE A 98 -1.25 16.07 2.87
C ILE A 98 -1.47 14.78 2.08
N GLN A 99 -2.49 14.03 2.49
CA GLN A 99 -2.87 12.78 1.83
C GLN A 99 -4.36 12.83 1.53
N LEU A 100 -4.77 12.32 0.37
CA LEU A 100 -6.17 12.20 0.01
C LEU A 100 -6.40 10.77 -0.37
N SER A 101 -7.48 10.18 0.13
CA SER A 101 -7.93 8.86 -0.24
C SER A 101 -9.34 9.04 -0.78
N ALA A 102 -9.50 8.80 -2.08
CA ALA A 102 -10.78 8.97 -2.78
C ALA A 102 -11.07 7.74 -3.65
N GLY A 103 -12.32 7.30 -3.65
CA GLY A 103 -12.69 6.14 -4.42
C GLY A 103 -14.06 5.65 -4.07
N CYS A 104 -14.32 4.38 -4.33
CA CYS A 104 -15.61 3.78 -4.02
C CYS A 104 -15.49 2.30 -3.66
N GLU A 105 -16.38 1.87 -2.75
CA GLU A 105 -16.45 0.49 -2.27
C GLU A 105 -17.65 -0.15 -2.97
N MET A 106 -17.42 -1.27 -3.66
CA MET A 106 -18.43 -1.90 -4.52
C MET A 106 -19.09 -3.10 -3.85
N TYR A 107 -20.41 -3.03 -3.69
CA TYR A 107 -21.22 -4.19 -3.27
C TYR A 107 -21.57 -5.05 -4.48
N ALA A 111 -24.50 -2.19 -6.22
CA ALA A 111 -24.48 -1.00 -5.36
C ALA A 111 -23.07 -0.62 -4.94
N SER A 112 -22.91 0.62 -4.47
CA SER A 112 -21.62 1.11 -3.99
C SER A 112 -21.73 2.42 -3.19
N GLU A 113 -20.72 2.67 -2.36
CA GLU A 113 -20.56 3.93 -1.63
C GLU A 113 -19.23 4.54 -1.98
N SER A 114 -19.18 5.85 -2.01
CA SER A 114 -17.98 6.59 -2.35
C SER A 114 -17.48 7.36 -1.15
N PHE A 115 -16.20 7.72 -1.20
CA PHE A 115 -15.55 8.44 -0.13
C PHE A 115 -14.48 9.33 -0.69
N LEU A 116 -14.20 10.40 0.04
CA LEU A 116 -13.10 11.29 -0.25
C LEU A 116 -12.63 11.82 1.09
N HIS A 117 -11.54 11.28 1.60
CA HIS A 117 -10.96 11.67 2.90
C HIS A 117 -9.61 12.36 2.73
N VAL A 118 -9.33 13.34 3.59
CA VAL A 118 -8.11 14.13 3.53
C VAL A 118 -7.43 14.08 4.91
N ALA A 119 -6.12 13.86 4.92
CA ALA A 119 -5.33 13.90 6.15
C ALA A 119 -4.26 14.99 6.04
N PHE A 120 -4.03 15.68 7.16
CA PHE A 120 -3.04 16.74 7.26
C PHE A 120 -2.05 16.30 8.35
N GLN A 121 -0.76 16.27 8.04
CA GLN A 121 0.27 15.82 8.98
C GLN A 121 -0.02 14.43 9.57
N GLY A 122 -0.52 13.52 8.74
CA GLY A 122 -0.78 12.14 9.14
C GLY A 122 -2.12 11.85 9.81
N LYS A 123 -2.96 12.88 9.96
CA LYS A 123 -4.22 12.78 10.69
C LYS A 123 -5.41 13.16 9.81
N TYR A 124 -6.45 12.34 9.85
CA TYR A 124 -7.73 12.60 9.14
C TYR A 124 -8.36 13.89 9.64
N VAL A 125 -8.59 14.86 8.74
CA VAL A 125 -9.15 16.17 9.11
C VAL A 125 -10.40 16.61 8.33
N VAL A 126 -10.60 16.12 7.10
CA VAL A 126 -11.66 16.61 6.21
C VAL A 126 -12.20 15.47 5.35
N ARG A 127 -13.51 15.49 5.13
CA ARG A 127 -14.13 14.64 4.11
C ARG A 127 -15.07 15.46 3.24
N PHE A 128 -15.31 14.97 2.02
CA PHE A 128 -16.44 15.40 1.24
C PHE A 128 -17.58 14.43 1.54
N TRP A 129 -18.75 14.97 1.85
CA TRP A 129 -19.88 14.14 2.24
C TRP A 129 -21.16 14.78 1.75
N GLY A 130 -21.93 14.04 0.96
CA GLY A 130 -23.14 14.55 0.35
C GLY A 130 -22.86 15.60 -0.72
N THR A 131 -22.95 16.86 -0.34
CA THR A 131 -22.79 17.99 -1.26
C THR A 131 -21.73 19.00 -0.80
N SER A 132 -20.98 18.69 0.25
CA SER A 132 -20.08 19.67 0.86
C SER A 132 -18.89 19.05 1.57
N TRP A 133 -17.86 19.87 1.70
CA TRP A 133 -16.67 19.53 2.45
C TRP A 133 -16.98 19.76 3.92
N GLN A 134 -16.51 18.87 4.77
CA GLN A 134 -16.79 18.93 6.20
C GLN A 134 -15.53 18.61 6.98
N THR A 135 -15.20 19.46 7.97
CA THR A 135 -14.17 19.15 8.93
C THR A 135 -14.69 18.07 9.88
N VAL A 136 -13.79 17.22 10.32
CA VAL A 136 -14.15 16.14 11.23
C VAL A 136 -14.05 16.65 12.67
N PRO A 137 -14.90 16.15 13.59
CA PRO A 137 -14.75 16.62 14.98
C PRO A 137 -13.33 16.42 15.47
N GLY A 138 -12.75 17.45 16.09
CA GLY A 138 -11.38 17.40 16.58
C GLY A 138 -10.32 17.95 15.64
N ALA A 139 -10.70 18.29 14.40
CA ALA A 139 -9.76 18.94 13.47
C ALA A 139 -9.38 20.34 13.97
N PRO A 140 -8.19 20.84 13.59
CA PRO A 140 -7.80 22.21 13.99
C PRO A 140 -8.82 23.25 13.53
N SER A 141 -9.15 24.20 14.40
CA SER A 141 -10.21 25.16 14.10
C SER A 141 -9.87 26.10 12.94
N TRP A 142 -8.57 26.28 12.65
CA TRP A 142 -8.17 27.11 11.51
C TRP A 142 -8.65 26.59 10.15
N LEU A 143 -9.02 25.30 10.06
CA LEU A 143 -9.64 24.74 8.85
C LEU A 143 -11.04 25.26 8.53
N ASP A 144 -11.77 25.78 9.52
CA ASP A 144 -13.18 26.17 9.31
C ASP A 144 -13.36 27.26 8.24
N LEU A 145 -12.50 28.28 8.28
CA LEU A 145 -12.52 29.37 7.31
C LEU A 145 -12.31 28.89 5.86
N PRO A 146 -11.14 28.27 5.57
CA PRO A 146 -10.90 27.80 4.18
C PRO A 146 -11.89 26.74 3.65
N ILE A 147 -12.43 25.91 4.54
CA ILE A 147 -13.46 24.92 4.14
C ILE A 147 -14.79 25.62 3.79
N LYS A 148 -15.15 26.65 4.55
CA LYS A 148 -16.34 27.44 4.22
C LYS A 148 -16.17 28.12 2.84
N VAL A 149 -14.97 28.62 2.57
CA VAL A 149 -14.65 29.24 1.29
C VAL A 149 -14.74 28.22 0.16
N LEU A 150 -14.12 27.06 0.36
CA LEU A 150 -14.18 25.96 -0.61
C LEU A 150 -15.63 25.55 -0.91
N ASN A 151 -16.47 25.52 0.13
CA ASN A 151 -17.89 25.19 -0.03
C ASN A 151 -18.70 26.23 -0.80
N ALA A 152 -18.23 27.49 -0.82
CA ALA A 152 -18.83 28.53 -1.65
C ALA A 152 -18.68 28.27 -3.17
N ASP A 153 -17.75 27.42 -3.56
CA ASP A 153 -17.50 27.10 -4.96
C ASP A 153 -18.39 25.95 -5.43
N GLN A 154 -19.51 26.28 -6.08
CA GLN A 154 -20.46 25.25 -6.54
C GLN A 154 -19.94 24.41 -7.70
N GLY A 155 -19.13 25.01 -8.57
CA GLY A 155 -18.45 24.27 -9.64
C GLY A 155 -17.72 23.04 -9.15
N THR A 156 -16.73 23.23 -8.28
CA THR A 156 -16.01 22.12 -7.63
C THR A 156 -16.93 21.17 -6.88
N SER A 157 -17.91 21.70 -6.14
CA SER A 157 -18.86 20.86 -5.42
C SER A 157 -19.60 19.91 -6.36
N ALA A 158 -20.16 20.46 -7.43
CA ALA A 158 -20.86 19.67 -8.44
C ALA A 158 -19.92 18.68 -9.13
N THR A 159 -18.70 19.13 -9.44
CA THR A 159 -17.70 18.27 -10.08
C THR A 159 -17.33 17.09 -9.16
N VAL A 160 -17.13 17.35 -7.87
CA VAL A 160 -16.81 16.28 -6.89
C VAL A 160 -18.01 15.32 -6.73
N GLN A 161 -19.21 15.89 -6.61
CA GLN A 161 -20.42 15.06 -6.54
C GLN A 161 -20.53 14.11 -7.74
N MET A 162 -20.26 14.61 -8.95
CA MET A 162 -20.29 13.79 -10.17
C MET A 162 -19.23 12.69 -10.13
N LEU A 163 -18.01 13.05 -9.77
CA LEU A 163 -16.91 12.09 -9.68
C LEU A 163 -17.20 10.96 -8.71
N LEU A 164 -17.72 11.30 -7.52
CA LEU A 164 -18.02 10.29 -6.51
C LEU A 164 -19.29 9.49 -6.79
N ASN A 165 -20.40 10.18 -7.09
CA ASN A 165 -21.69 9.51 -7.27
C ASN A 165 -21.79 8.65 -8.55
N ASP A 166 -21.24 9.19 -9.65
CA ASP A 166 -21.37 8.60 -11.00
C ASP A 166 -20.09 7.96 -11.51
N THR A 167 -19.05 8.77 -11.65
CA THR A 167 -17.84 8.38 -12.37
C THR A 167 -17.10 7.21 -11.70
N CYS A 168 -16.94 7.26 -10.37
CA CYS A 168 -16.23 6.19 -9.64
C CYS A 168 -16.86 4.80 -9.87
N PRO A 169 -18.12 4.58 -9.45
CA PRO A 169 -18.68 3.24 -9.66
C PRO A 169 -18.74 2.81 -11.13
N LEU A 170 -19.09 3.74 -12.02
CA LEU A 170 -19.07 3.50 -13.47
C LEU A 170 -17.69 3.03 -13.94
N PHE A 171 -16.65 3.76 -13.57
CA PHE A 171 -15.27 3.41 -13.94
C PHE A 171 -14.86 2.03 -13.40
N VAL A 172 -15.20 1.77 -12.15
CA VAL A 172 -14.83 0.52 -11.47
C VAL A 172 -15.50 -0.69 -12.13
N ARG A 173 -16.76 -0.54 -12.55
CA ARG A 173 -17.45 -1.62 -13.28
C ARG A 173 -16.65 -2.02 -14.53
N GLY A 174 -16.25 -1.02 -15.31
CA GLY A 174 -15.40 -1.24 -16.48
C GLY A 174 -14.06 -1.90 -16.16
N LEU A 175 -13.42 -1.47 -15.08
CA LEU A 175 -12.17 -2.09 -14.64
C LEU A 175 -12.34 -3.57 -14.33
N LEU A 176 -13.44 -3.92 -13.66
CA LEU A 176 -13.72 -5.30 -13.30
C LEU A 176 -13.93 -6.21 -14.52
N GLU A 177 -14.64 -5.70 -15.52
CA GLU A 177 -14.80 -6.40 -16.80
C GLU A 177 -13.45 -6.59 -17.49
N ALA A 178 -12.75 -5.48 -17.69
CA ALA A 178 -11.54 -5.45 -18.50
C ALA A 178 -10.36 -6.18 -17.82
N GLY A 179 -10.37 -6.23 -16.50
CA GLY A 179 -9.32 -6.87 -15.71
C GLY A 179 -9.63 -8.23 -15.12
N LYS A 180 -10.69 -8.86 -15.61
CA LYS A 180 -11.21 -10.11 -15.05
C LYS A 180 -10.11 -11.17 -14.87
N SER A 181 -9.35 -11.44 -15.93
CA SER A 181 -8.24 -12.41 -15.91
C SER A 181 -7.30 -12.25 -14.73
N ASP A 182 -6.83 -11.02 -14.53
CA ASP A 182 -5.90 -10.70 -13.44
C ASP A 182 -6.59 -10.68 -12.09
N LEU A 183 -7.77 -10.07 -12.04
CA LEU A 183 -8.51 -9.98 -10.79
C LEU A 183 -8.87 -11.34 -10.22
N GLU A 184 -9.20 -12.29 -11.10
CA GLU A 184 -9.60 -13.64 -10.69
C GLU A 184 -8.47 -14.68 -10.79
N LYS A 185 -7.22 -14.23 -10.93
CA LYS A 185 -6.11 -15.17 -11.06
C LYS A 185 -5.98 -16.01 -9.80
N GLN A 186 -5.45 -17.22 -9.95
CA GLN A 186 -5.13 -18.07 -8.82
C GLN A 186 -3.66 -18.42 -8.92
N GLU A 187 -2.89 -18.12 -7.86
CA GLU A 187 -1.49 -18.52 -7.79
C GLU A 187 -1.31 -19.38 -6.53
N LYS A 188 -0.57 -20.48 -6.66
CA LYS A 188 -0.45 -21.44 -5.56
C LYS A 188 0.57 -21.05 -4.51
N PRO A 189 0.23 -21.23 -3.22
CA PRO A 189 1.25 -21.08 -2.19
C PRO A 189 2.31 -22.17 -2.31
N VAL A 190 3.56 -21.80 -2.01
CA VAL A 190 4.64 -22.74 -1.72
C VAL A 190 5.01 -22.50 -0.27
N ALA A 191 5.13 -23.59 0.49
CA ALA A 191 5.40 -23.50 1.93
C ALA A 191 6.70 -24.15 2.30
N TRP A 192 7.28 -23.67 3.40
CA TRP A 192 8.46 -24.32 3.99
C TRP A 192 8.57 -24.06 5.48
N LEU A 193 9.26 -24.97 6.16
CA LEU A 193 9.39 -24.96 7.61
C LEU A 193 10.81 -24.60 8.01
N SER A 194 10.91 -23.82 9.07
CA SER A 194 12.20 -23.53 9.69
C SER A 194 12.00 -23.36 11.17
N SER A 195 13.09 -23.23 11.91
CA SER A 195 12.97 -22.91 13.33
C SER A 195 14.15 -22.13 13.87
N VAL A 196 13.85 -21.25 14.83
CA VAL A 196 14.84 -20.55 15.64
C VAL A 196 15.07 -21.35 16.90
N ASP A 201 15.91 -21.63 27.49
CA ASP A 201 16.42 -22.99 27.63
C ASP A 201 15.37 -24.03 27.18
N GLY A 202 15.62 -24.66 26.03
CA GLY A 202 14.79 -25.78 25.55
C GLY A 202 13.71 -25.42 24.54
N HIS A 203 13.08 -24.25 24.70
CA HIS A 203 11.97 -23.85 23.83
C HIS A 203 12.42 -23.44 22.43
N ARG A 204 11.57 -23.77 21.46
CA ARG A 204 11.85 -23.61 20.04
C ARG A 204 10.69 -22.87 19.41
N GLN A 205 10.98 -21.96 18.49
CA GLN A 205 9.93 -21.35 17.67
C GLN A 205 9.97 -21.94 16.26
N LEU A 206 8.94 -22.71 15.92
CA LEU A 206 8.80 -23.30 14.58
C LEU A 206 8.12 -22.26 13.69
N VAL A 207 8.55 -22.16 12.43
CA VAL A 207 8.04 -21.15 11.50
C VAL A 207 7.57 -21.85 10.24
N CYS A 208 6.29 -21.69 9.92
CA CYS A 208 5.72 -22.15 8.67
C CYS A 208 5.56 -20.93 7.78
N HIS A 209 6.32 -20.94 6.69
CA HIS A 209 6.37 -19.86 5.70
C HIS A 209 5.49 -20.27 4.52
N VAL A 210 4.70 -19.33 4.00
CA VAL A 210 3.79 -19.58 2.88
C VAL A 210 3.91 -18.41 1.91
N SER A 211 4.35 -18.65 0.68
CA SER A 211 4.66 -17.57 -0.24
C SER A 211 4.16 -17.82 -1.64
N GLY A 212 3.74 -16.74 -2.29
CA GLY A 212 3.41 -16.79 -3.71
C GLY A 212 1.95 -17.02 -4.01
N PHE A 213 1.09 -16.90 -2.99
CA PHE A 213 -0.33 -17.19 -3.17
C PHE A 213 -1.10 -15.93 -3.58
N TYR A 214 -2.15 -16.17 -4.35
CA TYR A 214 -3.10 -15.14 -4.73
C TYR A 214 -4.41 -15.84 -5.08
N PRO A 215 -5.59 -15.33 -4.67
CA PRO A 215 -5.76 -14.12 -3.88
C PRO A 215 -5.40 -14.28 -2.41
N LYS A 216 -5.58 -13.18 -1.68
CA LYS A 216 -5.11 -13.06 -0.32
C LYS A 216 -5.66 -14.07 0.69
N PRO A 217 -6.96 -14.39 0.63
CA PRO A 217 -7.49 -15.29 1.67
C PRO A 217 -6.78 -16.66 1.72
N VAL A 218 -6.33 -17.04 2.92
CA VAL A 218 -5.51 -18.25 3.10
C VAL A 218 -5.71 -18.74 4.53
N TRP A 219 -5.49 -20.02 4.74
CA TRP A 219 -5.61 -20.64 6.06
C TRP A 219 -4.32 -21.40 6.32
N VAL A 220 -3.69 -21.12 7.45
CA VAL A 220 -2.42 -21.72 7.84
C VAL A 220 -2.52 -22.11 9.31
N MET A 221 -2.23 -23.36 9.63
CA MET A 221 -2.33 -23.82 11.01
C MET A 221 -1.31 -24.90 11.29
N TRP A 222 -0.66 -24.80 12.45
CA TRP A 222 0.08 -25.93 12.99
C TRP A 222 -0.91 -26.95 13.54
N MET A 223 -0.62 -28.23 13.27
CA MET A 223 -1.51 -29.32 13.56
C MET A 223 -0.76 -30.43 14.28
N ARG A 224 -1.45 -31.15 15.14
CA ARG A 224 -0.99 -32.43 15.65
C ARG A 224 -2.10 -33.39 15.25
N GLY A 225 -1.87 -34.10 14.13
CA GLY A 225 -2.94 -34.87 13.49
C GLY A 225 -4.03 -33.93 12.99
N ASP A 226 -5.27 -34.19 13.38
CA ASP A 226 -6.40 -33.33 13.04
C ASP A 226 -6.70 -32.27 14.13
N GLN A 227 -5.81 -32.11 15.10
CA GLN A 227 -5.96 -31.11 16.17
C GLN A 227 -5.19 -29.84 15.85
N GLU A 228 -5.91 -28.73 15.75
CA GLU A 228 -5.32 -27.43 15.53
C GLU A 228 -4.54 -27.01 16.77
N GLN A 229 -3.31 -26.55 16.58
CA GLN A 229 -2.49 -26.06 17.68
C GLN A 229 -2.80 -24.58 17.92
N GLN A 230 -3.46 -24.27 19.04
CA GLN A 230 -3.94 -22.91 19.29
C GLN A 230 -2.83 -21.88 19.62
N GLY A 231 -1.62 -22.37 19.84
CA GLY A 231 -0.44 -21.51 19.87
C GLY A 231 -0.02 -20.93 18.52
N THR A 232 -0.59 -21.44 17.41
CA THR A 232 -0.29 -20.93 16.08
C THR A 232 -0.46 -19.43 16.09
N HIS A 233 0.61 -18.70 15.76
CA HIS A 233 0.61 -17.25 15.76
C HIS A 233 0.86 -16.78 14.33
N ARG A 234 -0.23 -16.35 13.68
N ARG A 234 -0.22 -16.37 13.66
CA ARG A 234 -0.17 -15.86 12.31
CA ARG A 234 -0.11 -15.92 12.28
C ARG A 234 0.41 -14.45 12.27
C ARG A 234 0.36 -14.47 12.23
N GLY A 235 1.33 -14.20 11.35
CA GLY A 235 1.89 -12.86 11.15
C GLY A 235 0.97 -12.06 10.24
N ASP A 236 1.45 -10.92 9.78
CA ASP A 236 0.68 -10.08 8.87
C ASP A 236 0.86 -10.56 7.43
N PHE A 237 -0.06 -10.17 6.56
CA PHE A 237 0.13 -10.42 5.12
C PHE A 237 1.17 -9.46 4.57
N LEU A 238 2.22 -10.01 3.97
CA LEU A 238 3.35 -9.26 3.43
C LEU A 238 3.36 -9.41 1.91
N PRO A 239 3.54 -8.31 1.17
CA PRO A 239 3.53 -8.43 -0.28
C PRO A 239 4.85 -8.96 -0.85
N ASN A 240 4.73 -9.85 -1.84
CA ASN A 240 5.81 -10.10 -2.76
C ASN A 240 5.75 -9.07 -3.87
N ALA A 241 6.84 -8.96 -4.62
CA ALA A 241 6.97 -7.98 -5.67
C ALA A 241 6.26 -8.38 -6.99
N ASP A 242 5.69 -9.59 -7.02
CA ASP A 242 5.08 -10.13 -8.23
C ASP A 242 3.57 -10.31 -8.08
N GLU A 243 2.96 -9.43 -7.30
CA GLU A 243 1.52 -9.46 -7.04
C GLU A 243 1.05 -10.82 -6.52
N THR A 244 1.86 -11.35 -5.58
CA THR A 244 1.47 -12.48 -4.74
C THR A 244 1.76 -12.10 -3.29
N TRP A 245 1.30 -12.97 -2.39
CA TRP A 245 1.34 -12.70 -0.95
C TRP A 245 2.27 -13.68 -0.25
N TYR A 246 2.74 -13.23 0.90
CA TYR A 246 3.58 -13.99 1.82
C TYR A 246 2.95 -13.89 3.20
N LEU A 247 2.95 -15.00 3.93
CA LEU A 247 2.47 -15.04 5.30
C LEU A 247 3.27 -16.11 6.03
N GLN A 248 3.59 -15.87 7.30
CA GLN A 248 4.15 -16.95 8.10
C GLN A 248 3.39 -17.10 9.40
N ALA A 249 3.40 -18.32 9.92
CA ALA A 249 2.74 -18.66 11.17
C ALA A 249 3.73 -19.42 12.06
N THR A 250 3.88 -18.96 13.29
CA THR A 250 4.87 -19.53 14.22
C THR A 250 4.18 -20.34 15.33
N LEU A 251 4.95 -21.25 15.95
CA LEU A 251 4.48 -22.01 17.10
C LEU A 251 5.63 -22.24 18.06
N ASP A 252 5.46 -21.76 19.30
N ASP A 252 5.44 -21.77 19.29
CA ASP A 252 6.46 -22.00 20.33
CA ASP A 252 6.39 -22.02 20.37
C ASP A 252 6.21 -23.38 20.94
C ASP A 252 6.17 -23.43 20.87
N VAL A 253 7.24 -24.23 20.94
CA VAL A 253 7.14 -25.62 21.42
C VAL A 253 8.28 -25.94 22.37
N GLU A 254 7.99 -26.77 23.36
CA GLU A 254 9.02 -27.28 24.26
C GLU A 254 9.81 -28.38 23.53
N ALA A 255 11.07 -28.56 23.95
CA ALA A 255 11.94 -29.61 23.40
C ALA A 255 11.28 -30.97 23.51
N GLY A 256 11.29 -31.74 22.41
CA GLY A 256 10.71 -33.10 22.40
C GLY A 256 9.30 -33.11 21.84
N GLU A 257 8.50 -32.14 22.29
CA GLU A 257 7.16 -31.86 21.75
C GLU A 257 7.09 -31.58 20.25
N GLU A 258 8.22 -31.24 19.61
CA GLU A 258 8.27 -31.02 18.17
C GLU A 258 7.78 -32.19 17.34
N ALA A 259 8.05 -33.40 17.81
CA ALA A 259 7.67 -34.62 17.10
C ALA A 259 6.16 -34.68 16.90
N GLY A 260 5.76 -34.99 15.67
CA GLY A 260 4.35 -35.11 15.32
C GLY A 260 3.66 -33.85 14.82
N LEU A 261 4.36 -32.73 14.78
CA LEU A 261 3.75 -31.48 14.31
C LEU A 261 3.80 -31.35 12.80
N ALA A 262 2.77 -30.70 12.26
CA ALA A 262 2.63 -30.42 10.83
C ALA A 262 2.09 -29.02 10.62
N CYS A 263 2.45 -28.41 9.50
CA CYS A 263 1.80 -27.15 9.08
C CYS A 263 0.89 -27.48 7.93
N ARG A 264 -0.38 -27.12 8.05
CA ARG A 264 -1.37 -27.32 7.02
C ARG A 264 -1.78 -25.99 6.44
N VAL A 265 -1.83 -25.92 5.11
CA VAL A 265 -2.20 -24.72 4.38
C VAL A 265 -3.37 -25.03 3.47
N LYS A 266 -4.42 -24.22 3.56
CA LYS A 266 -5.57 -24.30 2.66
C LYS A 266 -5.58 -23.04 1.83
N HIS A 267 -5.85 -23.19 0.52
CA HIS A 267 -5.96 -22.04 -0.36
C HIS A 267 -6.78 -22.39 -1.58
N SER A 268 -7.53 -21.41 -2.07
CA SER A 268 -8.44 -21.57 -3.22
C SER A 268 -7.79 -22.18 -4.46
N SER A 269 -6.52 -21.86 -4.69
CA SER A 269 -5.75 -22.36 -5.84
C SER A 269 -5.39 -23.85 -5.80
N LEU A 270 -5.53 -24.48 -4.64
CA LEU A 270 -5.04 -25.84 -4.45
C LEU A 270 -6.02 -26.95 -4.82
N GLY A 271 -7.20 -26.59 -5.32
CA GLY A 271 -8.21 -27.57 -5.76
C GLY A 271 -8.64 -28.58 -4.70
N GLY A 272 -8.75 -28.13 -3.45
CA GLY A 272 -9.10 -28.99 -2.33
C GLY A 272 -7.97 -29.81 -1.71
N GLN A 273 -6.76 -29.73 -2.25
CA GLN A 273 -5.63 -30.56 -1.80
C GLN A 273 -4.70 -29.69 -0.96
N ASP A 274 -4.89 -29.73 0.35
CA ASP A 274 -4.10 -28.89 1.26
C ASP A 274 -2.62 -29.25 1.20
N ILE A 275 -1.77 -28.26 1.40
CA ILE A 275 -0.36 -28.53 1.64
C ILE A 275 -0.26 -28.99 3.09
N ILE A 276 0.43 -30.09 3.36
CA ILE A 276 0.80 -30.45 4.72
C ILE A 276 2.29 -30.76 4.74
N LEU A 277 3.04 -29.99 5.55
CA LEU A 277 4.46 -30.26 5.77
C LEU A 277 4.63 -30.77 7.17
N TYR A 278 5.50 -31.78 7.33
CA TYR A 278 5.76 -32.41 8.61
C TYR A 278 7.12 -31.99 9.17
N TRP A 279 7.14 -31.51 10.41
CA TRP A 279 8.40 -31.12 11.04
C TRP A 279 9.25 -32.36 11.38
N ILE B 1 2.10 13.84 13.29
CA ILE B 1 3.14 13.27 14.21
C ILE B 1 4.04 12.32 13.44
N GLN B 2 5.29 12.18 13.90
CA GLN B 2 6.23 11.22 13.29
C GLN B 2 5.88 9.79 13.71
N LYS B 3 6.03 8.85 12.79
CA LYS B 3 5.81 7.43 13.08
C LYS B 3 7.02 6.65 12.60
N THR B 4 7.49 5.73 13.45
CA THR B 4 8.74 4.99 13.23
C THR B 4 8.51 3.81 12.29
N PRO B 5 9.40 3.63 11.28
CA PRO B 5 9.19 2.50 10.36
C PRO B 5 9.40 1.14 11.02
N GLN B 6 8.57 0.19 10.63
CA GLN B 6 8.74 -1.21 10.95
C GLN B 6 9.30 -1.89 9.72
N ILE B 7 10.15 -2.89 9.93
CA ILE B 7 10.90 -3.53 8.85
C ILE B 7 10.78 -5.03 8.96
N GLN B 8 10.41 -5.67 7.84
CA GLN B 8 10.34 -7.13 7.77
C GLN B 8 11.08 -7.59 6.51
N VAL B 9 11.93 -8.58 6.70
CA VAL B 9 12.82 -9.08 5.65
C VAL B 9 12.53 -10.57 5.47
N TYR B 10 12.24 -10.99 4.24
CA TYR B 10 11.77 -12.34 3.95
C TYR B 10 12.08 -12.70 2.51
N SER B 11 12.26 -13.99 2.24
CA SER B 11 12.54 -14.43 0.87
C SER B 11 11.25 -14.79 0.10
N ARG B 12 11.29 -14.58 -1.21
CA ARG B 12 10.16 -14.90 -2.10
C ARG B 12 9.91 -16.40 -2.20
N HIS B 13 11.00 -17.18 -2.27
CA HIS B 13 10.95 -18.61 -2.41
C HIS B 13 11.68 -19.26 -1.24
N PRO B 14 11.45 -20.56 -1.02
CA PRO B 14 12.22 -21.26 0.01
C PRO B 14 13.73 -21.12 -0.23
N PRO B 15 14.49 -20.79 0.81
CA PRO B 15 15.92 -20.59 0.62
C PRO B 15 16.65 -21.90 0.41
N GLU B 16 17.50 -21.91 -0.62
CA GLU B 16 18.37 -23.04 -0.92
C GLU B 16 19.72 -22.46 -1.27
N ASN B 17 20.77 -22.92 -0.59
CA ASN B 17 22.08 -22.32 -0.80
C ASN B 17 22.52 -22.53 -2.25
N GLY B 18 23.14 -21.51 -2.83
CA GLY B 18 23.55 -21.52 -4.22
C GLY B 18 22.46 -21.34 -5.26
N LYS B 19 21.20 -21.16 -4.84
CA LYS B 19 20.08 -21.02 -5.77
C LYS B 19 19.54 -19.57 -5.80
N PRO B 20 19.47 -18.96 -7.00
CA PRO B 20 18.89 -17.61 -7.16
C PRO B 20 17.48 -17.48 -6.57
N ASN B 21 17.23 -16.36 -5.90
CA ASN B 21 16.01 -16.11 -5.15
C ASN B 21 15.82 -14.61 -5.18
N ILE B 22 14.79 -14.13 -4.48
CA ILE B 22 14.54 -12.71 -4.30
C ILE B 22 14.31 -12.41 -2.81
N LEU B 23 14.96 -11.35 -2.35
CA LEU B 23 14.88 -10.91 -0.95
C LEU B 23 14.05 -9.65 -0.89
N ASN B 24 13.03 -9.67 -0.03
CA ASN B 24 12.10 -8.58 0.18
C ASN B 24 12.37 -7.86 1.48
N CYS B 25 12.26 -6.53 1.44
CA CYS B 25 12.31 -5.71 2.62
C CYS B 25 11.07 -4.84 2.58
N TYR B 26 10.13 -5.12 3.49
CA TYR B 26 8.83 -4.44 3.53
C TYR B 26 8.87 -3.48 4.69
N VAL B 27 8.68 -2.20 4.41
CA VAL B 27 8.80 -1.16 5.40
C VAL B 27 7.46 -0.46 5.54
N THR B 28 6.98 -0.37 6.77
CA THR B 28 5.61 0.04 7.05
C THR B 28 5.53 0.98 8.23
N GLN B 29 4.35 1.59 8.38
CA GLN B 29 3.96 2.33 9.59
C GLN B 29 4.79 3.56 9.85
N PHE B 30 5.22 4.23 8.79
CA PHE B 30 6.07 5.41 8.94
C PHE B 30 5.39 6.67 8.44
N HIS B 31 5.86 7.79 8.97
CA HIS B 31 5.43 9.13 8.58
C HIS B 31 6.49 10.10 9.13
N PRO B 32 6.94 11.09 8.36
CA PRO B 32 6.49 11.43 6.99
C PRO B 32 7.01 10.45 5.93
N PRO B 33 6.56 10.61 4.67
CA PRO B 33 6.91 9.55 3.69
C PRO B 33 8.37 9.53 3.18
N HIS B 34 9.14 10.59 3.42
N HIS B 34 9.15 10.55 3.47
CA HIS B 34 10.55 10.64 3.02
CA HIS B 34 10.54 10.62 3.03
C HIS B 34 11.34 9.59 3.81
C HIS B 34 11.40 9.65 3.81
N ILE B 35 12.07 8.74 3.10
CA ILE B 35 12.75 7.60 3.73
C ILE B 35 13.90 7.13 2.83
N GLU B 36 14.91 6.53 3.44
CA GLU B 36 15.97 5.88 2.68
C GLU B 36 16.03 4.43 3.08
N ILE B 37 15.99 3.55 2.08
CA ILE B 37 16.02 2.10 2.32
C ILE B 37 17.19 1.52 1.53
N GLN B 38 18.05 0.78 2.23
CA GLN B 38 19.20 0.12 1.62
C GLN B 38 19.08 -1.36 1.90
N MET B 39 19.52 -2.17 0.96
CA MET B 39 19.65 -3.60 1.21
C MET B 39 21.13 -3.89 1.14
N LEU B 40 21.59 -4.71 2.08
CA LEU B 40 23.01 -4.92 2.31
C LEU B 40 23.39 -6.38 2.15
N LYS B 41 24.57 -6.61 1.56
CA LYS B 41 25.20 -7.94 1.47
C LYS B 41 26.55 -7.84 2.19
N ASN B 42 26.73 -8.61 3.26
CA ASN B 42 27.95 -8.52 4.11
C ASN B 42 28.31 -7.08 4.48
N GLY B 43 27.27 -6.30 4.82
CA GLY B 43 27.41 -4.89 5.17
C GLY B 43 27.56 -3.87 4.04
N LYS B 44 27.61 -4.33 2.80
CA LYS B 44 27.89 -3.47 1.64
C LYS B 44 26.60 -3.26 0.88
N LYS B 45 26.36 -2.02 0.44
CA LYS B 45 25.12 -1.68 -0.26
C LYS B 45 24.94 -2.51 -1.53
N ILE B 46 23.77 -3.14 -1.68
CA ILE B 46 23.42 -3.84 -2.91
C ILE B 46 22.98 -2.78 -3.92
N PRO B 47 23.63 -2.73 -5.10
CA PRO B 47 23.36 -1.60 -5.99
C PRO B 47 21.98 -1.57 -6.67
N LYS B 48 21.43 -2.71 -7.09
CA LYS B 48 20.28 -2.71 -8.03
C LYS B 48 18.89 -2.90 -7.40
N VAL B 49 18.67 -2.32 -6.22
CA VAL B 49 17.45 -2.60 -5.46
C VAL B 49 16.25 -1.91 -6.13
N GLU B 50 15.18 -2.69 -6.34
CA GLU B 50 13.95 -2.18 -6.95
C GLU B 50 12.97 -1.85 -5.83
N MET B 51 12.29 -0.71 -5.97
CA MET B 51 11.31 -0.23 -4.98
C MET B 51 9.94 -0.17 -5.62
N SER B 52 8.91 -0.61 -4.90
CA SER B 52 7.53 -0.33 -5.29
C SER B 52 7.27 1.17 -5.18
N ASP B 53 6.12 1.59 -5.68
CA ASP B 53 5.65 2.97 -5.49
C ASP B 53 5.27 3.15 -4.03
N MET B 54 5.59 4.31 -3.47
CA MET B 54 5.15 4.66 -2.13
C MET B 54 3.63 4.57 -2.09
N SER B 55 3.09 3.98 -1.02
CA SER B 55 1.64 3.98 -0.83
C SER B 55 1.32 4.18 0.66
N PHE B 56 0.04 4.25 0.98
CA PHE B 56 -0.36 4.31 2.38
C PHE B 56 -1.60 3.49 2.66
N SER B 57 -1.77 3.16 3.94
CA SER B 57 -2.79 2.24 4.41
C SER B 57 -4.02 3.02 4.89
N LYS B 58 -5.06 2.29 5.25
CA LYS B 58 -6.30 2.87 5.78
C LYS B 58 -6.04 3.79 6.97
N ASP B 59 -5.06 3.45 7.80
CA ASP B 59 -4.66 4.29 8.95
C ASP B 59 -3.74 5.47 8.60
N TRP B 60 -3.50 5.69 7.30
CA TRP B 60 -2.72 6.82 6.75
C TRP B 60 -1.19 6.67 6.77
N SER B 61 -0.68 5.66 7.46
CA SER B 61 0.75 5.42 7.52
C SER B 61 1.25 4.85 6.21
N PHE B 62 2.49 5.20 5.87
CA PHE B 62 3.08 4.83 4.60
C PHE B 62 3.72 3.45 4.61
N TYR B 63 3.80 2.86 3.43
CA TYR B 63 4.53 1.61 3.23
C TYR B 63 5.16 1.55 1.84
N ILE B 64 6.20 0.73 1.76
CA ILE B 64 6.92 0.55 0.52
C ILE B 64 7.63 -0.82 0.61
N LEU B 65 7.76 -1.47 -0.54
CA LEU B 65 8.48 -2.74 -0.67
C LEU B 65 9.75 -2.53 -1.47
N ALA B 66 10.88 -2.92 -0.88
CA ALA B 66 12.13 -3.02 -1.64
C ALA B 66 12.34 -4.49 -1.92
N HIS B 67 12.96 -4.81 -3.05
CA HIS B 67 13.38 -6.20 -3.30
C HIS B 67 14.60 -6.26 -4.20
N THR B 68 15.36 -7.34 -4.06
CA THR B 68 16.54 -7.55 -4.89
C THR B 68 16.75 -9.03 -5.16
N GLU B 69 17.38 -9.33 -6.29
CA GLU B 69 17.82 -10.68 -6.57
C GLU B 69 18.95 -11.02 -5.60
N PHE B 70 18.91 -12.22 -5.04
CA PHE B 70 19.99 -12.71 -4.20
C PHE B 70 20.10 -14.23 -4.27
N THR B 71 21.32 -14.68 -4.01
CA THR B 71 21.63 -16.09 -4.00
C THR B 71 22.20 -16.37 -2.61
N PRO B 72 21.37 -16.93 -1.71
CA PRO B 72 21.90 -17.17 -0.37
C PRO B 72 22.98 -18.25 -0.36
N THR B 73 23.88 -18.14 0.61
CA THR B 73 24.94 -19.12 0.85
C THR B 73 25.00 -19.41 2.34
N GLU B 74 25.88 -20.32 2.76
CA GLU B 74 26.10 -20.56 4.18
C GLU B 74 26.66 -19.35 4.91
N THR B 75 27.45 -18.53 4.22
CA THR B 75 28.30 -17.52 4.85
C THR B 75 27.91 -16.05 4.59
N ASP B 76 27.09 -15.77 3.58
CA ASP B 76 26.74 -14.38 3.31
C ASP B 76 25.64 -13.93 4.28
N THR B 77 25.72 -12.69 4.75
CA THR B 77 24.67 -12.08 5.55
C THR B 77 23.96 -11.05 4.69
N TYR B 78 22.65 -10.94 4.90
CA TYR B 78 21.82 -9.96 4.19
C TYR B 78 21.02 -9.16 5.21
N ALA B 79 20.81 -7.87 4.91
CA ALA B 79 20.12 -6.97 5.81
C ALA B 79 19.36 -5.91 5.04
N CYS B 80 18.44 -5.25 5.76
CA CYS B 80 17.74 -4.08 5.25
C CYS B 80 17.91 -2.95 6.26
N ARG B 81 18.39 -1.80 5.76
CA ARG B 81 18.74 -0.67 6.62
C ARG B 81 17.93 0.55 6.22
N VAL B 82 17.31 1.19 7.20
CA VAL B 82 16.37 2.27 6.96
C VAL B 82 16.77 3.51 7.73
N LYS B 83 16.79 4.65 7.04
CA LYS B 83 17.01 5.95 7.66
C LYS B 83 15.74 6.76 7.50
N HIS B 84 15.31 7.40 8.58
CA HIS B 84 14.05 8.11 8.61
C HIS B 84 14.14 9.13 9.74
N ALA B 85 13.44 10.26 9.60
CA ALA B 85 13.55 11.36 10.57
C ALA B 85 13.06 11.00 11.98
N SER B 86 12.18 10.02 12.08
CA SER B 86 11.70 9.49 13.36
C SER B 86 12.75 8.80 14.23
N MET B 87 13.90 8.43 13.65
CA MET B 87 14.95 7.71 14.37
C MET B 87 16.26 8.48 14.27
N ALA B 88 16.94 8.66 15.40
CA ALA B 88 18.26 9.26 15.39
C ALA B 88 19.27 8.34 14.69
N GLU B 89 19.10 7.03 14.84
CA GLU B 89 20.01 6.06 14.25
C GLU B 89 19.29 5.27 13.16
N PRO B 90 20.03 4.90 12.09
CA PRO B 90 19.46 3.96 11.12
C PRO B 90 19.12 2.64 11.76
N LYS B 91 18.01 2.05 11.33
CA LYS B 91 17.55 0.77 11.83
C LYS B 91 17.90 -0.31 10.81
N THR B 92 18.51 -1.38 11.29
CA THR B 92 18.92 -2.50 10.46
C THR B 92 18.24 -3.77 10.95
N VAL B 93 17.61 -4.49 10.03
CA VAL B 93 17.07 -5.81 10.32
C VAL B 93 17.79 -6.80 9.40
N TYR B 94 18.36 -7.85 9.97
CA TYR B 94 19.04 -8.87 9.16
C TYR B 94 18.05 -9.92 8.72
N TRP B 95 18.28 -10.44 7.52
CA TRP B 95 17.55 -11.60 7.05
C TRP B 95 18.02 -12.80 7.87
N ASP B 96 17.06 -13.57 8.36
CA ASP B 96 17.33 -14.82 9.03
C ASP B 96 16.41 -15.87 8.41
N ARG B 97 16.98 -16.80 7.65
CA ARG B 97 16.19 -17.83 6.98
C ARG B 97 15.38 -18.69 7.99
N ASP B 98 15.92 -18.84 9.19
CA ASP B 98 15.25 -19.60 10.24
C ASP B 98 13.98 -18.90 10.77
N MET B 99 13.93 -17.58 10.68
CA MET B 99 12.82 -16.79 11.22
C MET B 99 11.82 -16.51 10.12
N ASP C 4 -8.12 31.23 0.00
CA ASP C 4 -9.12 31.18 -1.11
C ASP C 4 -9.35 29.78 -1.70
N PHE C 5 -8.29 28.96 -1.79
CA PHE C 5 -8.26 27.80 -2.69
C PHE C 5 -8.53 28.23 -4.15
N HIS C 6 -7.91 29.34 -4.56
CA HIS C 6 -8.24 30.06 -5.81
C HIS C 6 -8.12 29.22 -7.10
N HIS C 7 -7.04 28.45 -7.22
CA HIS C 7 -6.76 27.69 -8.44
C HIS C 7 -7.68 26.48 -8.63
N ILE C 8 -7.88 25.71 -7.55
CA ILE C 8 -8.77 24.53 -7.56
C ILE C 8 -10.19 24.93 -7.94
N ARG C 9 -10.64 26.06 -7.39
CA ARG C 9 -11.94 26.62 -7.74
C ARG C 9 -12.01 27.01 -9.22
N GLU C 10 -10.92 27.58 -9.74
CA GLU C 10 -10.77 27.83 -11.19
C GLU C 10 -10.70 26.53 -12.02
N LYS C 11 -10.05 25.49 -11.49
CA LYS C 11 -10.01 24.15 -12.11
C LYS C 11 -11.43 23.58 -12.23
N GLY C 12 -12.11 23.44 -11.09
CA GLY C 12 -13.46 22.86 -11.04
C GLY C 12 -14.49 23.59 -11.88
N ASN C 13 -14.33 24.91 -12.03
CA ASN C 13 -15.18 25.72 -12.92
C ASN C 13 -14.93 25.46 -14.41
N HIS C 14 -13.69 25.18 -14.78
CA HIS C 14 -13.33 24.89 -16.19
C HIS C 14 -13.65 23.44 -16.58
N TRP C 15 -13.38 22.50 -15.67
CA TRP C 15 -13.64 21.06 -15.88
C TRP C 15 -14.96 20.55 -15.25
N LYS C 16 -15.89 21.47 -15.01
CA LYS C 16 -17.29 21.13 -14.76
C LYS C 16 -17.96 20.76 -16.09
N ASN C 17 -17.72 21.58 -17.11
CA ASN C 17 -18.31 21.39 -18.45
C ASN C 17 -17.97 20.05 -19.10
N PHE C 18 -16.75 19.56 -18.91
CA PHE C 18 -16.36 18.25 -19.45
C PHE C 18 -17.14 17.10 -18.78
N LEU C 19 -17.21 17.12 -17.45
CA LEU C 19 -17.92 16.09 -16.70
C LEU C 19 -19.43 16.28 -16.81
#